data_9BZB
#
_entry.id   9BZB
#
_cell.length_a   120.831
_cell.length_b   120.831
_cell.length_c   35.339
_cell.angle_alpha   90.000
_cell.angle_beta   90.000
_cell.angle_gamma   120.000
#
_symmetry.space_group_name_H-M   'P 62'
#
loop_
_entity.id
_entity.type
_entity.pdbx_description
1 polymer 'putative metallo beta lactamase'
2 non-polymer 'FORMIC ACID'
3 non-polymer 'SULFATE ION'
4 non-polymer 1,2-ETHANEDIOL
5 water water
#
_entity_poly.entity_id   1
_entity_poly.type   'polypeptide(L)'
_entity_poly.pdbx_seq_one_letter_code
;SNAALDPSQPLSPAPPLSLFKAWAKPIKPFQITEGVWYVGTKNLSSILLTTPAGHILIDAGLDESAPQIKANIEAAGFRL
TDVRYLLNSHARLDQAGGMARLKAWSGAQLVASQPNADQMARGGRQDFALGDALPFPPVTTDKIIHHQESIILGGITVTA
LFTPGHLPGSTSWRVTLRNGKTLIYADSLATPDYLLINNKNYPDLVTDIQSSFKTLAAQHVDIFIANKGDHFGLLEKRQQ
LRNGDTQAFFDSNGLQQYVERSRQRFITQLTAQQP
;
_entity_poly.pdbx_strand_id   A
#
# COMPACT_ATOMS: atom_id res chain seq x y z
N ALA A 3 -15.54 3.77 14.91
CA ALA A 3 -16.82 3.11 15.19
C ALA A 3 -16.65 1.61 15.39
N ALA A 4 -17.42 1.05 16.32
CA ALA A 4 -17.42 -0.39 16.53
C ALA A 4 -18.30 -1.09 15.50
N LEU A 5 -17.95 -2.33 15.19
CA LEU A 5 -18.65 -3.08 14.16
C LEU A 5 -20.09 -3.34 14.57
N ASP A 6 -21.03 -2.92 13.71
CA ASP A 6 -22.45 -3.10 13.95
C ASP A 6 -22.94 -4.26 13.11
N PRO A 7 -23.31 -5.41 13.71
CA PRO A 7 -23.77 -6.54 12.90
C PRO A 7 -25.00 -6.25 12.06
N SER A 8 -25.80 -5.25 12.42
CA SER A 8 -26.96 -4.87 11.62
C SER A 8 -26.58 -4.03 10.42
N GLN A 9 -25.29 -3.75 10.22
CA GLN A 9 -24.80 -3.11 9.02
C GLN A 9 -24.41 -4.17 8.00
N PRO A 10 -25.00 -4.19 6.81
CA PRO A 10 -24.59 -5.18 5.81
C PRO A 10 -23.11 -5.07 5.45
N LEU A 11 -22.49 -6.22 5.24
CA LEU A 11 -21.11 -6.31 4.80
C LEU A 11 -21.03 -6.48 3.29
N SER A 12 -19.83 -6.25 2.73
CA SER A 12 -19.61 -6.54 1.33
C SER A 12 -19.13 -7.97 1.15
N PRO A 13 -19.38 -8.58 -0.01
CA PRO A 13 -18.84 -9.93 -0.25
C PRO A 13 -17.33 -9.89 -0.33
N ALA A 14 -16.70 -10.93 0.21
CA ALA A 14 -15.24 -10.95 0.13
C ALA A 14 -14.79 -11.60 -1.18
N PRO A 15 -13.74 -11.07 -1.79
CA PRO A 15 -13.24 -11.68 -3.02
C PRO A 15 -12.80 -13.11 -2.76
N PRO A 16 -12.85 -13.96 -3.78
CA PRO A 16 -12.32 -15.32 -3.61
C PRO A 16 -10.83 -15.28 -3.36
N LEU A 17 -10.34 -16.22 -2.56
CA LEU A 17 -8.91 -16.32 -2.33
C LEU A 17 -8.17 -16.58 -3.65
N SER A 18 -8.82 -17.27 -4.59
CA SER A 18 -8.21 -17.49 -5.90
C SER A 18 -7.85 -16.19 -6.59
N LEU A 19 -8.62 -15.12 -6.37
CA LEU A 19 -8.28 -13.83 -6.95
C LEU A 19 -7.00 -13.27 -6.35
N PHE A 20 -6.89 -13.29 -5.03
CA PHE A 20 -5.68 -12.81 -4.38
C PHE A 20 -4.46 -13.64 -4.79
N LYS A 21 -4.65 -14.94 -4.98
CA LYS A 21 -3.55 -15.78 -5.44
C LYS A 21 -3.12 -15.39 -6.84
N ALA A 22 -4.07 -15.13 -7.74
CA ALA A 22 -3.73 -14.67 -9.08
C ALA A 22 -2.92 -13.38 -9.03
N TRP A 23 -3.26 -12.47 -8.11
CA TRP A 23 -2.49 -11.25 -7.98
C TRP A 23 -1.13 -11.50 -7.36
N ALA A 24 -0.99 -12.57 -6.58
CA ALA A 24 0.24 -12.87 -5.88
C ALA A 24 1.22 -13.68 -6.72
N LYS A 25 0.96 -13.84 -8.02
CA LYS A 25 1.90 -14.54 -8.88
C LYS A 25 3.25 -13.83 -8.86
N PRO A 26 4.36 -14.55 -8.67
CA PRO A 26 5.65 -13.88 -8.50
C PRO A 26 6.20 -13.35 -9.83
N ILE A 27 6.95 -12.25 -9.71
CA ILE A 27 7.78 -11.74 -10.79
C ILE A 27 9.14 -11.41 -10.20
N LYS A 28 10.18 -11.48 -11.03
CA LYS A 28 11.51 -11.22 -10.53
C LYS A 28 11.66 -9.75 -10.18
N PRO A 29 12.37 -9.43 -9.10
CA PRO A 29 12.49 -8.03 -8.67
C PRO A 29 13.29 -7.20 -9.67
N PHE A 30 13.15 -5.88 -9.56
CA PHE A 30 13.87 -4.97 -10.43
C PHE A 30 14.00 -3.61 -9.74
N GLN A 31 14.91 -2.79 -10.27
CA GLN A 31 15.19 -1.47 -9.73
C GLN A 31 14.36 -0.43 -10.45
N ILE A 32 13.52 0.29 -9.70
CA ILE A 32 12.75 1.39 -10.28
C ILE A 32 13.63 2.60 -10.51
N THR A 33 14.37 3.01 -9.48
CA THR A 33 15.43 3.99 -9.59
C THR A 33 16.43 3.72 -8.48
N GLU A 34 17.48 4.53 -8.41
CA GLU A 34 18.49 4.34 -7.38
C GLU A 34 17.84 4.36 -6.01
N GLY A 35 18.09 3.31 -5.23
CA GLY A 35 17.52 3.19 -3.90
C GLY A 35 16.06 2.81 -3.85
N VAL A 36 15.47 2.35 -4.95
CA VAL A 36 14.07 1.94 -4.98
C VAL A 36 13.96 0.64 -5.76
N TRP A 37 13.51 -0.42 -5.08
CA TRP A 37 13.42 -1.76 -5.66
C TRP A 37 12.01 -2.30 -5.51
N TYR A 38 11.48 -2.88 -6.58
CA TYR A 38 10.18 -3.54 -6.53
C TYR A 38 10.39 -5.00 -6.18
N VAL A 39 9.85 -5.43 -5.03
CA VAL A 39 10.01 -6.78 -4.55
C VAL A 39 8.67 -7.50 -4.40
N GLY A 40 7.59 -6.93 -4.94
CA GLY A 40 6.26 -7.46 -4.80
C GLY A 40 5.92 -8.50 -5.86
N THR A 41 4.61 -8.69 -6.07
CA THR A 41 4.09 -9.71 -6.96
C THR A 41 3.57 -9.09 -8.26
N LYS A 42 2.86 -9.89 -9.04
CA LYS A 42 2.38 -9.43 -10.34
C LYS A 42 1.41 -8.26 -10.20
N ASN A 43 0.70 -8.17 -9.08
CA ASN A 43 -0.27 -7.10 -8.91
C ASN A 43 -0.36 -6.59 -7.48
N LEU A 44 0.42 -7.13 -6.52
CA LEU A 44 0.44 -6.66 -5.15
C LEU A 44 1.79 -6.00 -4.89
N SER A 45 1.80 -4.67 -4.80
CA SER A 45 3.06 -3.94 -4.71
C SER A 45 3.75 -4.16 -3.37
N SER A 46 5.09 -4.13 -3.43
CA SER A 46 5.92 -4.08 -2.24
C SER A 46 7.23 -3.43 -2.65
N ILE A 47 7.60 -2.35 -1.96
CA ILE A 47 8.70 -1.48 -2.36
C ILE A 47 9.78 -1.52 -1.28
N LEU A 48 11.02 -1.74 -1.70
CA LEU A 48 12.17 -1.73 -0.80
C LEU A 48 12.95 -0.45 -1.05
N LEU A 49 12.97 0.43 -0.06
CA LEU A 49 13.77 1.66 -0.11
C LEU A 49 15.09 1.38 0.61
N THR A 50 16.20 1.46 -0.12
CA THR A 50 17.51 1.12 0.39
C THR A 50 18.30 2.39 0.73
N THR A 51 18.98 2.37 1.87
CA THR A 51 19.77 3.49 2.34
C THR A 51 21.03 2.95 3.00
N PRO A 52 22.05 3.80 3.18
CA PRO A 52 23.27 3.34 3.87
C PRO A 52 23.05 2.99 5.34
N ALA A 53 21.93 3.38 5.94
CA ALA A 53 21.64 3.10 7.34
C ALA A 53 20.59 2.01 7.52
N GLY A 54 20.26 1.28 6.47
CA GLY A 54 19.21 0.27 6.53
C GLY A 54 18.06 0.62 5.59
N HIS A 55 17.08 -0.28 5.56
CA HIS A 55 16.06 -0.24 4.54
C HIS A 55 14.67 -0.04 5.14
N ILE A 56 13.75 0.38 4.28
CA ILE A 56 12.34 0.54 4.59
C ILE A 56 11.55 -0.25 3.57
N LEU A 57 10.66 -1.12 4.04
CA LEU A 57 9.84 -1.96 3.18
C LEU A 57 8.39 -1.50 3.32
N ILE A 58 7.77 -1.13 2.20
CA ILE A 58 6.37 -0.72 2.18
C ILE A 58 5.54 -1.91 1.74
N ASP A 59 4.63 -2.35 2.62
CA ASP A 59 3.69 -3.44 2.36
C ASP A 59 4.39 -4.79 2.19
N ALA A 60 3.65 -5.87 2.45
CA ALA A 60 4.25 -7.19 2.55
C ALA A 60 3.54 -8.29 1.76
N GLY A 61 2.39 -8.02 1.16
CA GLY A 61 1.69 -9.03 0.41
C GLY A 61 1.00 -10.08 1.28
N LEU A 62 0.58 -11.16 0.62
CA LEU A 62 -0.09 -12.25 1.32
C LEU A 62 0.87 -12.93 2.28
N ASP A 63 0.30 -13.59 3.30
CA ASP A 63 1.13 -14.39 4.19
C ASP A 63 1.76 -15.56 3.46
N GLU A 64 1.03 -16.13 2.49
CA GLU A 64 1.63 -17.16 1.64
C GLU A 64 2.83 -16.63 0.88
N SER A 65 2.89 -15.32 0.64
CA SER A 65 3.95 -14.72 -0.15
C SER A 65 5.16 -14.29 0.66
N ALA A 66 5.10 -14.38 2.00
CA ALA A 66 6.22 -13.92 2.81
C ALA A 66 7.54 -14.60 2.49
N PRO A 67 7.63 -15.92 2.28
CA PRO A 67 8.91 -16.48 1.82
C PRO A 67 9.36 -15.94 0.48
N GLN A 68 8.42 -15.69 -0.44
CA GLN A 68 8.80 -15.18 -1.75
C GLN A 68 9.26 -13.73 -1.67
N ILE A 69 8.65 -12.93 -0.80
CA ILE A 69 9.07 -11.54 -0.61
C ILE A 69 10.52 -11.49 -0.13
N LYS A 70 10.84 -12.30 0.88
CA LYS A 70 12.21 -12.37 1.39
C LYS A 70 13.17 -12.79 0.29
N ALA A 71 12.82 -13.84 -0.47
CA ALA A 71 13.68 -14.29 -1.56
C ALA A 71 13.85 -13.21 -2.62
N ASN A 72 12.83 -12.40 -2.85
CA ASN A 72 12.96 -11.28 -3.79
C ASN A 72 13.96 -10.26 -3.30
N ILE A 73 13.82 -9.84 -2.04
CA ILE A 73 14.76 -8.87 -1.46
C ILE A 73 16.19 -9.41 -1.54
N GLU A 74 16.37 -10.71 -1.31
CA GLU A 74 17.71 -11.29 -1.35
C GLU A 74 18.19 -11.44 -2.79
N ALA A 75 17.30 -11.79 -3.72
CA ALA A 75 17.69 -11.88 -5.12
C ALA A 75 18.20 -10.53 -5.63
N ALA A 76 17.66 -9.43 -5.11
CA ALA A 76 18.14 -8.10 -5.46
C ALA A 76 19.46 -7.75 -4.77
N GLY A 77 20.01 -8.64 -3.95
CA GLY A 77 21.26 -8.40 -3.29
C GLY A 77 21.17 -7.78 -1.92
N PHE A 78 19.97 -7.66 -1.35
CA PHE A 78 19.78 -7.06 -0.05
C PHE A 78 19.28 -8.13 0.93
N ARG A 79 19.16 -7.75 2.20
CA ARG A 79 18.88 -8.70 3.25
C ARG A 79 17.72 -8.21 4.11
N LEU A 80 16.89 -9.16 4.54
CA LEU A 80 15.72 -8.81 5.36
C LEU A 80 16.14 -8.27 6.72
N THR A 81 17.30 -8.70 7.23
CA THR A 81 17.76 -8.25 8.54
C THR A 81 18.26 -6.81 8.54
N ASP A 82 18.40 -6.18 7.37
CA ASP A 82 18.76 -4.77 7.28
C ASP A 82 17.55 -3.86 7.15
N VAL A 83 16.35 -4.41 7.14
CA VAL A 83 15.14 -3.59 7.08
C VAL A 83 14.88 -3.01 8.46
N ARG A 84 14.85 -1.68 8.55
N ARG A 84 14.83 -1.68 8.55
CA ARG A 84 14.59 -1.02 9.82
CA ARG A 84 14.60 -1.00 9.82
C ARG A 84 13.11 -0.79 10.08
C ARG A 84 13.12 -0.76 10.08
N TYR A 85 12.35 -0.45 9.04
CA TYR A 85 10.94 -0.14 9.17
C TYR A 85 10.11 -0.93 8.17
N LEU A 86 8.98 -1.43 8.65
CA LEU A 86 7.93 -2.00 7.80
C LEU A 86 6.76 -1.04 7.79
N LEU A 87 6.34 -0.62 6.61
CA LEU A 87 5.27 0.35 6.45
C LEU A 87 4.04 -0.32 5.86
N ASN A 88 2.87 0.07 6.32
CA ASN A 88 1.61 -0.48 5.83
C ASN A 88 0.77 0.63 5.20
N SER A 89 0.18 0.31 4.04
CA SER A 89 -0.76 1.24 3.40
C SER A 89 -2.16 1.05 3.98
N HIS A 90 -2.71 -0.16 3.87
CA HIS A 90 -3.95 -0.50 4.55
C HIS A 90 -3.91 -1.95 5.01
N ALA A 91 -4.71 -2.25 6.04
CA ALA A 91 -4.56 -3.47 6.82
C ALA A 91 -5.49 -4.58 6.34
N ARG A 92 -5.24 -5.05 5.11
CA ARG A 92 -5.90 -6.22 4.59
C ARG A 92 -4.87 -7.23 4.12
N LEU A 93 -5.32 -8.49 3.95
CA LEU A 93 -4.41 -9.61 3.82
C LEU A 93 -3.47 -9.46 2.62
N ASP A 94 -3.83 -8.71 1.59
CA ASP A 94 -2.97 -8.59 0.43
C ASP A 94 -1.92 -7.50 0.56
N GLN A 95 -1.94 -6.72 1.63
CA GLN A 95 -0.87 -5.77 1.92
C GLN A 95 -0.19 -6.01 3.26
N ALA A 96 -0.86 -6.68 4.21
CA ALA A 96 -0.30 -6.90 5.55
C ALA A 96 -0.33 -8.37 5.96
N GLY A 97 -0.65 -9.28 5.05
CA GLY A 97 -0.72 -10.69 5.41
C GLY A 97 0.60 -11.22 5.93
N GLY A 98 1.70 -10.84 5.30
CA GLY A 98 3.02 -11.30 5.69
C GLY A 98 3.75 -10.43 6.69
N MET A 99 3.08 -9.44 7.28
CA MET A 99 3.76 -8.53 8.21
C MET A 99 4.20 -9.27 9.46
N ALA A 100 3.38 -10.18 9.98
CA ALA A 100 3.73 -10.89 11.20
C ALA A 100 5.04 -11.64 11.05
N ARG A 101 5.26 -12.28 9.90
CA ARG A 101 6.46 -13.07 9.72
C ARG A 101 7.62 -12.24 9.21
N LEU A 102 7.35 -11.16 8.46
CA LEU A 102 8.44 -10.29 8.05
C LEU A 102 9.03 -9.51 9.23
N LYS A 103 8.17 -9.08 10.16
CA LYS A 103 8.67 -8.41 11.36
C LYS A 103 9.46 -9.38 12.24
N ALA A 104 9.03 -10.64 12.31
CA ALA A 104 9.76 -11.63 13.11
C ALA A 104 11.10 -11.98 12.47
N TRP A 105 11.14 -12.09 11.15
CA TRP A 105 12.38 -12.44 10.46
C TRP A 105 13.37 -11.29 10.40
N SER A 106 12.91 -10.05 10.52
CA SER A 106 13.78 -8.88 10.40
C SER A 106 14.03 -8.17 11.72
N GLY A 107 13.09 -8.24 12.67
CA GLY A 107 13.21 -7.43 13.86
C GLY A 107 13.03 -5.96 13.60
N ALA A 108 12.41 -5.59 12.49
CA ALA A 108 12.14 -4.20 12.18
C ALA A 108 10.96 -3.70 12.99
N GLN A 109 10.79 -2.37 12.99
CA GLN A 109 9.60 -1.76 13.58
C GLN A 109 8.52 -1.65 12.51
N LEU A 110 7.31 -2.06 12.86
CA LEU A 110 6.15 -1.88 11.99
C LEU A 110 5.56 -0.50 12.25
N VAL A 111 5.34 0.25 11.17
CA VAL A 111 4.82 1.61 11.24
C VAL A 111 3.47 1.63 10.53
N ALA A 112 2.47 2.23 11.17
CA ALA A 112 1.13 2.27 10.59
C ALA A 112 0.28 3.27 11.35
N SER A 113 -0.81 3.70 10.71
CA SER A 113 -1.79 4.54 11.36
C SER A 113 -2.52 3.74 12.43
N GLN A 114 -3.20 4.47 13.33
CA GLN A 114 -3.89 3.81 14.43
C GLN A 114 -4.98 2.84 13.96
N PRO A 115 -5.83 3.17 12.97
CA PRO A 115 -6.81 2.17 12.52
C PRO A 115 -6.18 0.94 11.89
N ASN A 116 -5.13 1.12 11.08
CA ASN A 116 -4.43 -0.03 10.51
C ASN A 116 -3.80 -0.88 11.60
N ALA A 117 -3.20 -0.23 12.61
CA ALA A 117 -2.63 -0.96 13.74
C ALA A 117 -3.69 -1.78 14.46
N ASP A 118 -4.84 -1.16 14.76
CA ASP A 118 -5.92 -1.88 15.41
C ASP A 118 -6.39 -3.06 14.58
N GLN A 119 -6.49 -2.89 13.25
CA GLN A 119 -6.96 -3.98 12.40
C GLN A 119 -5.89 -5.06 12.25
N MET A 120 -4.62 -4.67 12.10
CA MET A 120 -3.56 -5.66 12.02
C MET A 120 -3.39 -6.42 13.33
N ALA A 121 -3.68 -5.78 14.46
CA ALA A 121 -3.62 -6.49 15.74
C ALA A 121 -4.75 -7.49 15.86
N ARG A 122 -5.89 -7.23 15.23
CA ARG A 122 -7.00 -8.16 15.18
C ARG A 122 -6.83 -9.24 14.12
N GLY A 123 -5.70 -9.26 13.42
CA GLY A 123 -5.52 -10.22 12.35
C GLY A 123 -6.43 -10.00 11.17
N GLY A 124 -6.86 -8.76 10.94
CA GLY A 124 -7.73 -8.42 9.83
C GLY A 124 -9.21 -8.41 10.15
N ARG A 125 -9.61 -8.91 11.31
CA ARG A 125 -11.03 -9.05 11.62
C ARG A 125 -11.66 -7.69 11.89
N GLN A 126 -12.99 -7.69 11.97
CA GLN A 126 -13.79 -6.49 12.22
C GLN A 126 -13.58 -5.44 11.13
N ASP A 127 -13.20 -5.90 9.94
CA ASP A 127 -13.10 -5.01 8.78
C ASP A 127 -14.47 -4.39 8.49
N PHE A 128 -14.49 -3.07 8.32
CA PHE A 128 -15.77 -2.36 8.20
C PHE A 128 -16.63 -2.90 7.06
N ALA A 129 -16.00 -3.40 5.99
CA ALA A 129 -16.72 -3.90 4.84
C ALA A 129 -16.66 -5.40 4.67
N LEU A 130 -15.62 -6.06 5.18
CA LEU A 130 -15.45 -7.49 4.98
C LEU A 130 -15.75 -8.31 6.23
N GLY A 131 -15.81 -7.69 7.41
CA GLY A 131 -15.97 -8.47 8.62
C GLY A 131 -14.73 -9.30 8.89
N ASP A 132 -14.94 -10.56 9.26
CA ASP A 132 -13.87 -11.50 9.52
C ASP A 132 -13.61 -12.43 8.34
N ALA A 133 -13.94 -11.98 7.13
CA ALA A 133 -13.93 -12.88 5.98
C ALA A 133 -12.52 -13.24 5.52
N LEU A 134 -11.55 -12.36 5.72
CA LEU A 134 -10.20 -12.53 5.18
C LEU A 134 -9.17 -12.28 6.28
N PRO A 135 -9.01 -13.23 7.21
CA PRO A 135 -8.05 -13.04 8.29
C PRO A 135 -6.61 -13.35 7.87
N PHE A 136 -5.68 -12.82 8.65
CA PHE A 136 -4.26 -13.02 8.40
C PHE A 136 -3.54 -12.97 9.74
N PRO A 137 -2.27 -13.40 9.80
CA PRO A 137 -1.55 -13.46 11.08
C PRO A 137 -1.51 -12.11 11.78
N PRO A 138 -1.92 -12.06 13.05
CA PRO A 138 -1.92 -10.78 13.77
C PRO A 138 -0.51 -10.31 14.06
N VAL A 139 -0.35 -8.99 14.12
CA VAL A 139 0.96 -8.38 14.35
C VAL A 139 0.76 -7.06 15.07
N THR A 140 1.71 -6.71 15.92
CA THR A 140 1.65 -5.48 16.70
C THR A 140 2.42 -4.37 15.98
N THR A 141 1.84 -3.19 15.95
CA THR A 141 2.52 -2.01 15.40
C THR A 141 3.38 -1.37 16.50
N ASP A 142 4.62 -1.03 16.15
CA ASP A 142 5.55 -0.45 17.11
C ASP A 142 5.53 1.07 17.09
N LYS A 143 5.33 1.68 15.93
CA LYS A 143 5.31 3.15 15.80
C LYS A 143 4.01 3.54 15.12
N ILE A 144 3.15 4.26 15.84
CA ILE A 144 1.97 4.85 15.23
C ILE A 144 2.39 6.11 14.48
N ILE A 145 2.06 6.17 13.19
CA ILE A 145 2.40 7.32 12.38
C ILE A 145 1.18 8.21 12.28
N HIS A 146 1.42 9.51 12.15
CA HIS A 146 0.35 10.50 12.06
C HIS A 146 0.43 11.22 10.72
N HIS A 147 -0.64 11.94 10.40
CA HIS A 147 -0.71 12.65 9.13
C HIS A 147 0.41 13.68 9.03
N GLN A 148 1.14 13.65 7.92
CA GLN A 148 2.27 14.52 7.61
C GLN A 148 3.46 14.30 8.54
N GLU A 149 3.49 13.18 9.28
CA GLU A 149 4.65 12.85 10.09
C GLU A 149 5.71 12.17 9.24
N SER A 150 6.97 12.53 9.45
CA SER A 150 8.07 12.04 8.63
C SER A 150 8.97 11.12 9.44
N ILE A 151 9.59 10.17 8.73
CA ILE A 151 10.65 9.33 9.26
C ILE A 151 11.90 9.59 8.42
N ILE A 152 13.05 9.67 9.08
CA ILE A 152 14.33 9.89 8.43
C ILE A 152 15.20 8.66 8.65
N LEU A 153 15.87 8.22 7.59
CA LEU A 153 16.78 7.08 7.70
C LEU A 153 17.77 7.14 6.55
N GLY A 154 19.06 7.24 6.87
CA GLY A 154 20.10 7.09 5.88
C GLY A 154 20.06 8.07 4.73
N GLY A 155 19.42 9.22 4.90
CA GLY A 155 19.43 10.24 3.88
C GLY A 155 18.18 10.36 3.04
N ILE A 156 17.16 9.55 3.30
CA ILE A 156 15.86 9.72 2.65
C ILE A 156 14.86 10.23 3.67
N THR A 157 13.72 10.70 3.18
CA THR A 157 12.61 11.15 4.01
C THR A 157 11.35 10.45 3.54
N VAL A 158 10.65 9.79 4.47
CA VAL A 158 9.38 9.14 4.18
C VAL A 158 8.32 9.82 5.02
N THR A 159 7.29 10.36 4.38
CA THR A 159 6.25 11.14 5.03
C THR A 159 4.91 10.45 4.84
N ALA A 160 4.18 10.24 5.93
CA ALA A 160 2.87 9.63 5.86
C ALA A 160 1.83 10.66 5.45
N LEU A 161 0.90 10.24 4.60
CA LEU A 161 -0.25 11.05 4.19
C LEU A 161 -1.50 10.21 4.44
N PHE A 162 -2.32 10.65 5.40
CA PHE A 162 -3.56 9.95 5.68
C PHE A 162 -4.51 10.15 4.51
N THR A 163 -4.86 9.06 3.85
CA THR A 163 -5.76 9.09 2.70
C THR A 163 -6.88 8.08 2.93
N PRO A 164 -7.76 8.35 3.89
CA PRO A 164 -8.78 7.38 4.27
C PRO A 164 -9.88 7.26 3.22
N GLY A 165 -10.64 6.18 3.32
CA GLY A 165 -11.69 5.91 2.37
C GLY A 165 -11.79 4.45 1.99
N HIS A 166 -10.72 3.91 1.40
CA HIS A 166 -10.66 2.48 1.17
C HIS A 166 -10.73 1.71 2.48
N LEU A 167 -9.97 2.16 3.47
CA LEU A 167 -10.08 1.77 4.87
C LEU A 167 -10.01 3.05 5.69
N PRO A 168 -10.51 3.02 6.92
CA PRO A 168 -10.38 4.22 7.77
C PRO A 168 -8.94 4.66 8.00
N GLY A 169 -7.99 3.73 8.04
CA GLY A 169 -6.61 4.07 8.31
C GLY A 169 -5.73 4.14 7.09
N SER A 170 -6.31 4.13 5.89
CA SER A 170 -5.52 4.09 4.66
C SER A 170 -4.47 5.19 4.64
N THR A 171 -3.23 4.79 4.37
CA THR A 171 -2.09 5.69 4.43
C THR A 171 -1.33 5.62 3.11
N SER A 172 -1.04 6.78 2.54
CA SER A 172 -0.11 6.90 1.43
C SER A 172 1.20 7.46 1.95
N TRP A 173 2.27 7.24 1.18
CA TRP A 173 3.62 7.54 1.62
C TRP A 173 4.33 8.34 0.54
N ARG A 174 4.83 9.51 0.91
CA ARG A 174 5.65 10.35 0.04
C ARG A 174 7.11 10.20 0.45
N VAL A 175 7.98 9.96 -0.53
CA VAL A 175 9.38 9.66 -0.28
C VAL A 175 10.24 10.64 -1.05
N THR A 176 11.22 11.24 -0.36
CA THR A 176 12.29 12.01 -1.00
C THR A 176 13.56 11.19 -0.92
N LEU A 177 14.13 10.86 -2.08
CA LEU A 177 15.21 9.90 -2.18
C LEU A 177 16.57 10.58 -2.05
N ARG A 178 17.62 9.77 -2.04
CA ARG A 178 18.99 10.28 -1.99
C ARG A 178 19.35 11.05 -3.25
N ASN A 179 18.80 10.66 -4.39
CA ASN A 179 19.13 11.30 -5.66
C ASN A 179 18.31 12.56 -5.92
N GLY A 180 17.51 13.01 -4.94
CA GLY A 180 16.69 14.19 -5.09
C GLY A 180 15.32 13.93 -5.66
N LYS A 181 15.12 12.81 -6.35
CA LYS A 181 13.83 12.52 -6.92
C LYS A 181 12.81 12.20 -5.82
N THR A 182 11.54 12.45 -6.13
CA THR A 182 10.45 12.24 -5.20
C THR A 182 9.55 11.12 -5.69
N LEU A 183 8.95 10.41 -4.75
CA LEU A 183 8.15 9.23 -5.06
C LEU A 183 6.93 9.22 -4.15
N ILE A 184 5.81 8.75 -4.70
CA ILE A 184 4.59 8.54 -3.93
C ILE A 184 4.23 7.07 -3.99
N TYR A 185 3.82 6.52 -2.85
CA TYR A 185 3.21 5.20 -2.78
C TYR A 185 1.76 5.43 -2.40
N ALA A 186 0.88 5.45 -3.40
CA ALA A 186 -0.52 5.77 -3.18
C ALA A 186 -1.28 4.52 -2.78
N ASP A 187 -1.99 4.59 -1.65
CA ASP A 187 -2.89 3.51 -1.29
C ASP A 187 -4.11 3.54 -2.19
N SER A 188 -4.90 2.46 -2.13
CA SER A 188 -6.09 2.37 -2.96
C SER A 188 -7.10 3.46 -2.60
N LEU A 189 -7.72 4.04 -3.62
CA LEU A 189 -8.82 4.98 -3.45
C LEU A 189 -10.17 4.35 -3.78
N ALA A 190 -10.26 3.03 -3.79
CA ALA A 190 -11.46 2.33 -4.19
C ALA A 190 -12.40 2.15 -3.00
N THR A 191 -13.69 2.24 -3.27
CA THR A 191 -14.73 2.16 -2.25
C THR A 191 -15.74 1.07 -2.62
N PRO A 192 -16.44 0.50 -1.63
CA PRO A 192 -17.37 -0.59 -1.92
C PRO A 192 -18.64 -0.13 -2.60
N ASP A 193 -19.12 -0.93 -3.55
CA ASP A 193 -20.41 -0.69 -4.17
C ASP A 193 -21.52 -0.75 -3.13
N TYR A 194 -22.46 0.20 -3.24
CA TYR A 194 -23.71 0.23 -2.47
C TYR A 194 -23.53 0.62 -1.01
N LEU A 195 -22.66 -0.09 -0.27
CA LEU A 195 -22.56 0.15 1.16
C LEU A 195 -21.72 1.38 1.48
N LEU A 196 -21.86 2.41 0.66
CA LEU A 196 -21.04 3.61 0.76
C LEU A 196 -21.62 4.60 1.76
N ILE A 197 -22.88 4.95 1.57
CA ILE A 197 -23.54 5.97 2.37
C ILE A 197 -24.14 5.33 3.60
N ASN A 198 -24.14 6.10 4.69
CA ASN A 198 -24.79 5.70 5.93
C ASN A 198 -24.28 4.36 6.43
N ASN A 199 -23.00 4.07 6.19
CA ASN A 199 -22.40 2.83 6.66
C ASN A 199 -22.11 2.97 8.15
N LYS A 200 -22.83 2.20 8.97
CA LYS A 200 -22.70 2.32 10.42
C LYS A 200 -21.31 1.91 10.89
N ASN A 201 -20.61 1.05 10.13
CA ASN A 201 -19.26 0.66 10.51
C ASN A 201 -18.22 1.72 10.16
N TYR A 202 -18.56 2.65 9.25
CA TYR A 202 -17.61 3.65 8.77
C TYR A 202 -18.40 4.88 8.33
N PRO A 203 -18.90 5.66 9.29
CA PRO A 203 -19.83 6.75 8.93
C PRO A 203 -19.17 7.89 8.17
N ASP A 204 -17.86 8.03 8.24
CA ASP A 204 -17.16 9.15 7.59
C ASP A 204 -16.58 8.77 6.23
N LEU A 205 -16.99 7.63 5.65
CA LEU A 205 -16.38 7.16 4.42
C LEU A 205 -16.48 8.19 3.30
N VAL A 206 -17.68 8.72 3.07
CA VAL A 206 -17.90 9.56 1.89
C VAL A 206 -17.05 10.83 1.96
N THR A 207 -16.95 11.45 3.13
CA THR A 207 -16.14 12.67 3.23
C THR A 207 -14.65 12.35 3.31
N ASP A 208 -14.28 11.22 3.91
CA ASP A 208 -12.89 10.80 3.95
C ASP A 208 -12.32 10.68 2.54
N ILE A 209 -12.98 9.89 1.69
CA ILE A 209 -12.45 9.61 0.36
C ILE A 209 -12.35 10.89 -0.45
N GLN A 210 -13.27 11.84 -0.24
CA GLN A 210 -13.21 13.09 -0.96
C GLN A 210 -12.01 13.93 -0.51
N SER A 211 -11.69 13.91 0.78
CA SER A 211 -10.50 14.63 1.23
C SER A 211 -9.24 13.92 0.77
N SER A 212 -9.30 12.60 0.59
CA SER A 212 -8.14 11.88 0.07
C SER A 212 -7.85 12.24 -1.38
N PHE A 213 -8.91 12.39 -2.19
CA PHE A 213 -8.73 12.87 -3.55
C PHE A 213 -7.94 14.17 -3.57
N LYS A 214 -8.35 15.13 -2.73
CA LYS A 214 -7.65 16.42 -2.67
C LYS A 214 -6.23 16.25 -2.18
N THR A 215 -6.03 15.44 -1.14
CA THR A 215 -4.70 15.27 -0.56
C THR A 215 -3.72 14.73 -1.60
N LEU A 216 -4.09 13.67 -2.30
CA LEU A 216 -3.19 13.07 -3.28
C LEU A 216 -3.02 13.96 -4.50
N ALA A 217 -4.09 14.61 -4.96
CA ALA A 217 -3.99 15.50 -6.11
C ALA A 217 -3.01 16.63 -5.88
N ALA A 218 -2.78 17.01 -4.63
CA ALA A 218 -1.83 18.09 -4.31
C ALA A 218 -0.38 17.65 -4.37
N GLN A 219 -0.11 16.34 -4.41
CA GLN A 219 1.26 15.82 -4.39
C GLN A 219 1.78 15.75 -5.83
N HIS A 220 2.79 16.56 -6.13
CA HIS A 220 3.44 16.56 -7.44
C HIS A 220 4.81 15.92 -7.29
N VAL A 221 4.92 14.67 -7.75
CA VAL A 221 6.11 13.85 -7.53
C VAL A 221 6.66 13.41 -8.88
N ASP A 222 7.85 12.80 -8.84
CA ASP A 222 8.51 12.32 -10.04
C ASP A 222 8.11 10.90 -10.40
N ILE A 223 7.82 10.06 -9.40
CA ILE A 223 7.62 8.62 -9.59
C ILE A 223 6.30 8.23 -8.93
N PHE A 224 5.42 7.60 -9.70
CA PHE A 224 4.10 7.21 -9.22
C PHE A 224 4.06 5.70 -9.01
N ILE A 225 3.89 5.29 -7.75
CA ILE A 225 3.68 3.89 -7.38
C ILE A 225 2.36 3.82 -6.61
N ALA A 226 1.69 2.67 -6.71
CA ALA A 226 0.47 2.43 -5.96
C ALA A 226 0.51 1.01 -5.39
N ASN A 227 -0.41 0.73 -4.47
CA ASN A 227 -0.41 -0.56 -3.79
C ASN A 227 -0.86 -1.70 -4.70
N LYS A 228 -1.58 -1.40 -5.77
CA LYS A 228 -1.97 -2.40 -6.76
C LYS A 228 -1.26 -2.12 -8.08
N GLY A 229 -0.77 -3.18 -8.72
CA GLY A 229 0.02 -3.01 -9.93
C GLY A 229 -0.72 -2.29 -11.04
N ASP A 230 -1.98 -2.69 -11.30
CA ASP A 230 -2.72 -2.10 -12.42
C ASP A 230 -3.24 -0.70 -12.12
N HIS A 231 -2.93 -0.14 -10.95
CA HIS A 231 -3.24 1.26 -10.67
C HIS A 231 -2.19 2.21 -11.18
N PHE A 232 -0.93 1.78 -11.30
CA PHE A 232 0.15 2.64 -11.79
C PHE A 232 0.83 2.06 -13.01
N GLY A 233 0.16 1.16 -13.74
CA GLY A 233 0.70 0.61 -14.97
C GLY A 233 1.98 -0.18 -14.79
N LEU A 234 2.06 -1.00 -13.74
CA LEU A 234 3.31 -1.67 -13.38
C LEU A 234 3.85 -2.52 -14.53
N LEU A 235 3.03 -3.43 -15.05
CA LEU A 235 3.54 -4.47 -15.94
C LEU A 235 4.06 -3.87 -17.25
N GLU A 236 3.36 -2.86 -17.79
N GLU A 236 3.36 -2.87 -17.79
CA GLU A 236 3.82 -2.26 -19.03
CA GLU A 236 3.82 -2.26 -19.03
C GLU A 236 5.01 -1.33 -18.82
C GLU A 236 5.06 -1.40 -18.78
N LYS A 237 5.13 -0.73 -17.63
CA LYS A 237 6.32 0.07 -17.31
C LYS A 237 7.54 -0.82 -17.11
N ARG A 238 7.34 -1.98 -16.48
CA ARG A 238 8.45 -2.93 -16.30
C ARG A 238 8.95 -3.44 -17.64
N GLN A 239 8.05 -3.64 -18.61
N GLN A 239 8.04 -3.63 -18.60
CA GLN A 239 8.50 -4.07 -19.92
CA GLN A 239 8.43 -4.06 -19.93
C GLN A 239 9.14 -2.95 -20.72
C GLN A 239 9.15 -2.95 -20.67
N GLN A 240 8.72 -1.70 -20.48
CA GLN A 240 9.43 -0.57 -21.05
C GLN A 240 10.81 -0.45 -20.43
N LEU A 241 10.90 -0.68 -19.12
CA LEU A 241 12.17 -0.56 -18.40
C LEU A 241 13.18 -1.58 -18.92
N ARG A 242 12.77 -2.83 -19.06
CA ARG A 242 13.66 -3.87 -19.56
C ARG A 242 13.85 -3.82 -21.07
N ASN A 243 13.35 -2.76 -21.72
CA ASN A 243 13.64 -2.52 -23.13
C ASN A 243 14.56 -1.31 -23.33
N GLY A 244 15.07 -0.72 -22.25
CA GLY A 244 16.04 0.35 -22.34
C GLY A 244 15.56 1.71 -21.87
N ASP A 245 14.31 1.83 -21.44
CA ASP A 245 13.76 3.10 -20.96
C ASP A 245 13.87 3.13 -19.44
N THR A 246 14.91 3.79 -18.94
CA THR A 246 15.07 3.93 -17.51
C THR A 246 14.17 5.00 -16.91
N GLN A 247 13.58 5.86 -17.73
CA GLN A 247 12.59 6.84 -17.28
C GLN A 247 11.18 6.26 -17.27
N ALA A 248 11.04 4.94 -17.39
CA ALA A 248 9.72 4.34 -17.57
C ALA A 248 8.81 4.62 -16.38
N PHE A 249 9.34 4.49 -15.16
CA PHE A 249 8.53 4.72 -13.97
C PHE A 249 8.45 6.17 -13.57
N PHE A 250 9.14 7.07 -14.27
CA PHE A 250 8.99 8.49 -14.03
C PHE A 250 7.72 8.95 -14.71
N ASP A 251 6.77 9.45 -13.92
CA ASP A 251 5.42 9.76 -14.39
C ASP A 251 4.85 10.89 -13.54
N SER A 252 5.21 12.13 -13.88
CA SER A 252 4.88 13.28 -13.05
C SER A 252 3.39 13.54 -12.94
N ASN A 253 2.59 13.02 -13.88
CA ASN A 253 1.16 13.25 -13.90
C ASN A 253 0.37 11.99 -13.55
N GLY A 254 1.04 10.86 -13.34
CA GLY A 254 0.33 9.61 -13.11
C GLY A 254 -0.54 9.65 -11.86
N LEU A 255 -0.03 10.23 -10.78
CA LEU A 255 -0.81 10.27 -9.55
C LEU A 255 -2.09 11.07 -9.75
N GLN A 256 -2.00 12.22 -10.41
CA GLN A 256 -3.19 13.03 -10.65
C GLN A 256 -4.21 12.28 -11.49
N GLN A 257 -3.74 11.53 -12.50
CA GLN A 257 -4.65 10.77 -13.34
C GLN A 257 -5.34 9.66 -12.55
N TYR A 258 -4.60 8.96 -11.69
CA TYR A 258 -5.20 7.91 -10.87
C TYR A 258 -6.26 8.47 -9.94
N VAL A 259 -6.03 9.67 -9.40
CA VAL A 259 -7.02 10.30 -8.53
C VAL A 259 -8.31 10.59 -9.32
N GLU A 260 -8.16 11.16 -10.51
CA GLU A 260 -9.33 11.48 -11.33
C GLU A 260 -10.08 10.22 -11.73
N ARG A 261 -9.37 9.17 -12.11
CA ARG A 261 -10.02 7.90 -12.42
C ARG A 261 -10.76 7.35 -11.20
N SER A 262 -10.14 7.45 -10.02
CA SER A 262 -10.79 7.00 -8.81
C SER A 262 -12.01 7.86 -8.49
N ARG A 263 -11.91 9.16 -8.71
N ARG A 263 -11.91 9.17 -8.70
CA ARG A 263 -13.04 10.05 -8.41
CA ARG A 263 -13.03 10.05 -8.41
C ARG A 263 -14.21 9.78 -9.34
C ARG A 263 -14.22 9.77 -9.33
N GLN A 264 -13.94 9.54 -10.62
CA GLN A 264 -15.02 9.25 -11.56
C GLN A 264 -15.76 7.96 -11.20
N ARG A 265 -15.00 6.91 -10.90
N ARG A 265 -15.01 6.91 -10.89
CA ARG A 265 -15.60 5.65 -10.47
CA ARG A 265 -15.62 5.64 -10.48
C ARG A 265 -16.44 5.82 -9.21
C ARG A 265 -16.44 5.82 -9.21
N PHE A 266 -15.93 6.61 -8.26
CA PHE A 266 -16.66 6.86 -7.02
C PHE A 266 -17.98 7.56 -7.28
N ILE A 267 -18.03 8.43 -8.29
CA ILE A 267 -19.27 9.13 -8.62
C ILE A 267 -20.30 8.17 -9.19
N THR A 268 -19.90 7.28 -10.10
CA THR A 268 -20.85 6.32 -10.67
C THR A 268 -21.40 5.40 -9.59
N GLN A 269 -20.65 5.18 -8.51
CA GLN A 269 -21.13 4.34 -7.42
C GLN A 269 -22.15 5.08 -6.56
N LEU A 270 -21.94 6.38 -6.35
CA LEU A 270 -22.93 7.16 -5.61
C LEU A 270 -24.24 7.24 -6.37
N THR A 271 -24.17 7.33 -7.70
CA THR A 271 -25.38 7.41 -8.51
C THR A 271 -26.20 6.12 -8.40
N ALA A 272 -25.54 4.97 -8.37
CA ALA A 272 -26.23 3.70 -8.23
C ALA A 272 -26.75 3.51 -6.81
#